data_6KZH
#
_entry.id   6KZH
#
_cell.length_a   70.169
_cell.length_b   80.810
_cell.length_c   107.064
_cell.angle_alpha   90.000
_cell.angle_beta   90.000
_cell.angle_gamma   90.000
#
_symmetry.space_group_name_H-M   'P 21 21 21'
#
loop_
_entity.id
_entity.type
_entity.pdbx_description
1 polymer '14-3-3 protein theta'
2 polymer 'CIC pS173 peptide'
#
loop_
_entity_poly.entity_id
_entity_poly.type
_entity_poly.pdbx_seq_one_letter_code
_entity_poly.pdbx_strand_id
1 'polypeptide(L)'
;MGSSHHHHHHSSGLVPRGSHMASENLYFQGEKTELIQKAKLAEQAERYDDMATCMKAVTEQGAELSNEERNLLSVAYKNV
VGGRRSAWRVISSIEQKTDTSDKKLQLIKDYREKVESELRSICTTVLELLDKYLIANATNPESKVFYLKMKGDYFRYLAE
VACGDDRKQTIDNSQGAYQEAFDISKKEMQPTHPIRLGLALNFSVFYYEILNNPELACTLAKTAFDEAIAELDTLNEDSY
KDSTLIMQLLRDNLTLWTSDSAG
;
A,B
2 'polypeptide(L)' RTQ(SEP)LSAL C,Q
#
# COMPACT_ATOMS: atom_id res chain seq x y z
N GLN A 29 -4.27 -1.36 32.59
CA GLN A 29 -4.79 -0.06 32.21
C GLN A 29 -5.86 -0.19 31.12
N GLY A 30 -6.91 0.62 31.25
CA GLY A 30 -7.96 0.64 30.23
C GLY A 30 -7.52 1.26 28.92
N GLU A 31 -6.41 2.00 28.92
CA GLU A 31 -5.89 2.58 27.69
C GLU A 31 -5.08 1.58 26.90
N LYS A 32 -4.26 0.76 27.58
CA LYS A 32 -3.43 -0.21 26.88
C LYS A 32 -4.28 -1.26 26.19
N THR A 33 -5.30 -1.78 26.87
CA THR A 33 -6.15 -2.80 26.27
C THR A 33 -6.91 -2.24 25.07
N GLU A 34 -7.15 -0.94 25.03
CA GLU A 34 -7.84 -0.34 23.90
C GLU A 34 -6.86 -0.03 22.77
N LEU A 35 -5.60 0.24 23.10
CA LEU A 35 -4.60 0.48 22.07
C LEU A 35 -4.29 -0.80 21.29
N ILE A 36 -4.30 -1.95 21.97
CA ILE A 36 -4.07 -3.21 21.29
C ILE A 36 -5.23 -3.51 20.32
N GLN A 37 -6.46 -3.19 20.74
CA GLN A 37 -7.61 -3.42 19.86
C GLN A 37 -7.52 -2.57 18.60
N LYS A 38 -7.20 -1.27 18.75
CA LYS A 38 -7.05 -0.41 17.60
C LYS A 38 -5.91 -0.86 16.70
N ALA A 39 -4.80 -1.32 17.30
CA ALA A 39 -3.69 -1.82 16.51
C ALA A 39 -4.10 -3.07 15.73
N LYS A 40 -4.81 -4.00 16.37
CA LYS A 40 -5.31 -5.18 15.67
C LYS A 40 -6.29 -4.79 14.59
N LEU A 41 -7.09 -3.75 14.81
CA LEU A 41 -8.05 -3.29 13.82
C LEU A 41 -7.34 -2.61 12.66
N ALA A 42 -6.36 -1.74 12.95
CA ALA A 42 -5.62 -1.08 11.89
C ALA A 42 -4.80 -2.06 11.07
N GLU A 43 -4.41 -3.19 11.67
CA GLU A 43 -3.62 -4.19 10.95
C GLU A 43 -4.42 -4.83 9.83
N GLN A 44 -5.67 -5.21 10.11
CA GLN A 44 -6.49 -5.80 9.05
C GLN A 44 -6.91 -4.77 8.02
N ALA A 45 -7.06 -3.51 8.43
CA ALA A 45 -7.33 -2.43 7.48
C ALA A 45 -6.11 -2.02 6.69
N GLU A 46 -4.96 -2.66 6.90
CA GLU A 46 -3.71 -2.35 6.19
C GLU A 46 -3.31 -0.88 6.38
N ARG A 47 -3.61 -0.33 7.54
CA ARG A 47 -3.24 1.04 7.89
C ARG A 47 -2.12 0.96 8.93
N TYR A 48 -0.91 0.70 8.43
CA TYR A 48 0.21 0.39 9.31
C TYR A 48 0.77 1.60 10.03
N ASP A 49 0.59 2.80 9.47
CA ASP A 49 0.96 4.00 10.21
C ASP A 49 0.13 4.14 11.47
N ASP A 50 -1.19 3.97 11.34
CA ASP A 50 -2.06 3.96 12.52
C ASP A 50 -1.70 2.81 13.45
N MET A 51 -1.34 1.67 12.89
CA MET A 51 -0.93 0.54 13.71
C MET A 51 0.38 0.83 14.44
N ALA A 52 1.28 1.59 13.81
CA ALA A 52 2.58 1.87 14.41
C ALA A 52 2.50 2.86 15.55
N THR A 53 1.66 3.90 15.42
CA THR A 53 1.53 4.87 16.51
C THR A 53 0.79 4.28 17.70
N CYS A 54 0.01 3.22 17.50
CA CYS A 54 -0.63 2.55 18.63
C CYS A 54 0.36 1.76 19.45
N MET A 55 1.11 0.87 18.81
CA MET A 55 2.08 0.04 19.52
C MET A 55 3.23 0.87 20.10
N LYS A 56 3.53 2.03 19.51
CA LYS A 56 4.54 2.91 20.12
C LYS A 56 4.05 3.45 21.45
N ALA A 57 2.78 3.88 21.52
CA ALA A 57 2.23 4.35 22.77
C ALA A 57 2.11 3.22 23.80
N VAL A 58 1.97 1.98 23.33
CA VAL A 58 1.89 0.84 24.24
C VAL A 58 3.23 0.62 24.94
N THR A 59 4.31 0.58 24.15
CA THR A 59 5.63 0.36 24.72
C THR A 59 6.08 1.55 25.57
N GLU A 60 5.59 2.75 25.26
CA GLU A 60 5.92 3.93 26.05
C GLU A 60 5.33 3.87 27.45
N GLN A 61 4.41 2.93 27.72
CA GLN A 61 3.88 2.77 29.06
C GLN A 61 4.91 2.16 30.01
N GLY A 62 5.88 1.41 29.49
CA GLY A 62 7.00 0.91 30.27
C GLY A 62 6.95 -0.58 30.54
N ALA A 63 5.75 -1.17 30.56
CA ALA A 63 5.64 -2.59 30.86
C ALA A 63 6.18 -3.43 29.70
N GLU A 64 6.86 -4.52 30.05
CA GLU A 64 7.40 -5.42 29.04
C GLU A 64 6.27 -5.99 28.19
N LEU A 65 6.58 -6.24 26.92
CA LEU A 65 5.56 -6.63 25.96
C LEU A 65 5.22 -8.12 26.08
N SER A 66 3.99 -8.44 25.71
CA SER A 66 3.59 -9.82 25.48
C SER A 66 4.36 -10.42 24.32
N ASN A 67 4.06 -11.66 23.97
CA ASN A 67 4.47 -12.15 22.67
C ASN A 67 3.54 -11.64 21.58
N GLU A 68 2.29 -11.37 21.94
CA GLU A 68 1.31 -10.87 20.98
C GLU A 68 1.60 -9.41 20.62
N GLU A 69 1.74 -8.55 21.63
CA GLU A 69 2.06 -7.14 21.37
C GLU A 69 3.41 -7.00 20.68
N ARG A 70 4.38 -7.85 21.06
CA ARG A 70 5.72 -7.75 20.49
C ARG A 70 5.68 -7.91 18.97
N ASN A 71 5.00 -8.96 18.49
CA ASN A 71 4.90 -9.17 17.06
C ASN A 71 4.02 -8.12 16.40
N LEU A 72 3.04 -7.59 17.12
CA LEU A 72 2.22 -6.50 16.58
C LEU A 72 3.07 -5.27 16.29
N LEU A 73 4.01 -4.95 17.18
CA LEU A 73 4.84 -3.78 16.97
C LEU A 73 5.80 -3.98 15.81
N SER A 74 6.41 -5.16 15.70
CA SER A 74 7.36 -5.40 14.63
C SER A 74 6.65 -5.47 13.27
N VAL A 75 5.48 -6.09 13.23
CA VAL A 75 4.70 -6.13 11.99
C VAL A 75 4.33 -4.72 11.55
N ALA A 76 3.91 -3.89 12.50
CA ALA A 76 3.50 -2.52 12.19
C ALA A 76 4.65 -1.74 11.56
N TYR A 77 5.82 -1.74 12.20
CA TYR A 77 6.90 -0.90 11.72
C TYR A 77 7.62 -1.50 10.52
N LYS A 78 7.62 -2.83 10.39
CA LYS A 78 8.23 -3.43 9.20
C LYS A 78 7.47 -3.05 7.93
N ASN A 79 6.16 -2.84 8.04
CA ASN A 79 5.38 -2.38 6.90
C ASN A 79 5.54 -0.87 6.66
N VAL A 80 5.73 -0.10 7.73
CA VAL A 80 5.95 1.34 7.56
C VAL A 80 7.31 1.60 6.95
N VAL A 81 8.34 0.95 7.48
CA VAL A 81 9.68 1.11 6.92
C VAL A 81 9.82 0.39 5.59
N GLY A 82 9.01 -0.66 5.38
CA GLY A 82 9.11 -1.42 4.13
C GLY A 82 8.59 -0.65 2.93
N GLY A 83 7.59 0.21 3.14
CA GLY A 83 7.08 1.01 2.03
C GLY A 83 8.10 2.02 1.53
N ARG A 84 8.87 2.62 2.44
CA ARG A 84 9.87 3.60 2.04
C ARG A 84 11.09 2.93 1.42
N ARG A 85 11.45 1.73 1.89
CA ARG A 85 12.56 0.99 1.29
C ARG A 85 12.24 0.62 -0.16
N SER A 86 11.01 0.17 -0.41
CA SER A 86 10.61 -0.17 -1.77
C SER A 86 10.65 1.05 -2.68
N ALA A 87 10.18 2.20 -2.19
CA ALA A 87 10.25 3.42 -2.99
C ALA A 87 11.68 3.85 -3.24
N TRP A 88 12.52 3.83 -2.19
CA TRP A 88 13.91 4.22 -2.34
C TRP A 88 14.62 3.40 -3.42
N ARG A 89 14.38 2.08 -3.43
CA ARG A 89 15.06 1.23 -4.40
C ARG A 89 14.63 1.53 -5.83
N VAL A 90 13.39 1.95 -6.04
CA VAL A 90 12.91 2.24 -7.38
C VAL A 90 13.44 3.59 -7.87
N ILE A 91 13.39 4.60 -7.01
CA ILE A 91 13.89 5.93 -7.40
C ILE A 91 15.38 5.88 -7.69
N SER A 92 16.13 5.12 -6.89
CA SER A 92 17.56 4.98 -7.16
C SER A 92 17.82 4.14 -8.41
N SER A 93 16.96 3.16 -8.69
CA SER A 93 17.09 2.39 -9.92
C SER A 93 16.93 3.27 -11.15
N ILE A 94 16.07 4.28 -11.07
CA ILE A 94 15.93 5.24 -12.16
C ILE A 94 17.04 6.28 -12.10
N GLU A 95 17.53 6.60 -10.90
CA GLU A 95 18.49 7.69 -10.74
C GLU A 95 19.82 7.37 -11.40
N GLN A 96 20.30 6.13 -11.28
CA GLN A 96 21.58 5.76 -11.87
C GLN A 96 21.47 5.28 -13.31
N LYS A 97 20.26 5.22 -13.81
CA LYS A 97 20.01 4.83 -15.18
C LYS A 97 19.96 6.05 -16.06
N THR A 98 20.47 7.18 -15.57
CA THR A 98 20.47 8.39 -16.37
C THR A 98 21.86 9.03 -16.43
N THR A 100 25.21 12.20 -15.74
CA THR A 100 24.58 13.39 -15.16
C THR A 100 24.37 14.39 -16.24
N SER A 101 24.24 13.90 -17.47
CA SER A 101 24.03 14.76 -18.62
C SER A 101 22.74 15.55 -18.48
N ASP A 102 21.66 14.84 -18.15
CA ASP A 102 20.35 15.48 -17.97
C ASP A 102 20.34 16.39 -16.76
N LYS A 103 19.55 17.45 -16.82
CA LYS A 103 19.45 18.41 -15.74
C LYS A 103 18.26 18.07 -14.85
N LYS A 104 17.38 17.20 -15.35
CA LYS A 104 16.20 16.80 -14.60
C LYS A 104 16.55 15.79 -13.52
N LEU A 105 17.82 15.42 -13.45
CA LEU A 105 18.29 14.46 -12.46
C LEU A 105 18.29 15.08 -11.07
N GLN A 106 18.57 16.38 -10.97
CA GLN A 106 18.58 17.05 -9.67
C GLN A 106 17.30 16.74 -8.90
N LEU A 107 16.14 17.03 -9.50
CA LEU A 107 14.86 16.77 -8.85
C LEU A 107 14.71 15.29 -8.50
N ILE A 108 15.27 14.39 -9.30
CA ILE A 108 15.22 12.97 -8.97
C ILE A 108 15.97 12.71 -7.66
N LYS A 109 17.15 13.31 -7.51
CA LYS A 109 17.91 13.13 -6.28
C LYS A 109 17.24 13.82 -5.10
N ASP A 110 16.68 15.03 -5.32
CA ASP A 110 16.00 15.71 -4.22
C ASP A 110 14.74 14.96 -3.79
N TYR A 111 14.10 14.23 -4.70
CA TYR A 111 12.97 13.41 -4.30
C TYR A 111 13.41 12.16 -3.57
N ARG A 112 14.62 11.67 -3.83
CA ARG A 112 15.11 10.50 -3.14
C ARG A 112 15.53 10.84 -1.71
N GLU A 113 16.23 11.96 -1.52
CA GLU A 113 16.57 12.37 -0.16
C GLU A 113 15.32 12.69 0.65
N LYS A 114 14.24 13.12 0.00
CA LYS A 114 12.99 13.29 0.72
C LYS A 114 12.46 11.96 1.21
N VAL A 115 12.49 10.93 0.35
CA VAL A 115 12.12 9.59 0.79
C VAL A 115 13.13 9.06 1.79
N GLU A 116 14.42 9.28 1.53
CA GLU A 116 15.45 8.92 2.50
C GLU A 116 15.20 9.59 3.84
N SER A 117 14.72 10.84 3.82
CA SER A 117 14.47 11.56 5.06
C SER A 117 13.42 10.88 5.92
N GLU A 118 12.31 10.46 5.29
CA GLU A 118 11.27 9.75 6.03
C GLU A 118 11.78 8.42 6.58
N LEU A 119 12.52 7.68 5.75
CA LEU A 119 13.02 6.38 6.16
C LEU A 119 14.00 6.49 7.32
N ARG A 120 14.82 7.54 7.33
CA ARG A 120 15.77 7.70 8.43
C ARG A 120 15.05 7.95 9.74
N SER A 121 14.09 8.89 9.75
CA SER A 121 13.36 9.21 10.96
C SER A 121 12.52 8.04 11.47
N ILE A 122 12.13 7.11 10.60
CA ILE A 122 11.33 5.97 11.02
C ILE A 122 12.18 4.99 11.82
N CYS A 123 13.37 4.65 11.31
CA CYS A 123 14.24 3.70 11.98
C CYS A 123 14.79 4.22 13.30
N THR A 124 15.02 5.53 13.40
CA THR A 124 15.50 6.08 14.67
C THR A 124 14.42 5.98 15.75
N THR A 125 13.16 6.18 15.38
CA THR A 125 12.07 6.02 16.34
C THR A 125 11.99 4.58 16.84
N VAL A 126 12.20 3.61 15.93
CA VAL A 126 12.19 2.21 16.34
C VAL A 126 13.41 1.88 17.18
N LEU A 127 14.58 2.40 16.79
CA LEU A 127 15.80 2.12 17.54
C LEU A 127 15.76 2.73 18.93
N GLU A 128 15.19 3.94 19.06
CA GLU A 128 15.09 4.55 20.38
C GLU A 128 14.00 3.89 21.20
N LEU A 129 12.96 3.36 20.57
CA LEU A 129 12.00 2.52 21.28
C LEU A 129 12.70 1.30 21.85
N LEU A 130 13.64 0.72 21.10
CA LEU A 130 14.34 -0.48 21.58
C LEU A 130 15.27 -0.14 22.74
N ASP A 131 15.98 0.98 22.66
CA ASP A 131 16.98 1.29 23.68
C ASP A 131 16.32 1.76 24.98
N LYS A 132 15.25 2.54 24.87
CA LYS A 132 14.60 3.07 26.07
C LYS A 132 13.87 1.97 26.83
N TYR A 133 12.97 1.25 26.16
CA TYR A 133 12.03 0.35 26.82
C TYR A 133 12.30 -1.12 26.57
N LEU A 134 12.46 -1.53 25.31
CA LEU A 134 12.35 -2.94 24.97
C LEU A 134 13.58 -3.75 25.35
N ILE A 135 14.78 -3.23 25.09
CA ILE A 135 15.99 -3.99 25.34
C ILE A 135 16.26 -4.12 26.83
N ALA A 136 15.98 -3.06 27.60
CA ALA A 136 16.26 -3.08 29.04
C ALA A 136 15.35 -4.06 29.76
N ASN A 137 14.04 -3.97 29.54
CA ASN A 137 13.09 -4.79 30.26
C ASN A 137 12.96 -6.17 29.63
N ALA A 138 14.07 -6.87 29.44
CA ALA A 138 14.07 -8.18 28.78
C ALA A 138 14.00 -9.27 29.83
N THR A 139 12.88 -9.99 29.87
CA THR A 139 12.70 -11.10 30.79
C THR A 139 13.65 -12.25 30.48
N ASN A 140 13.27 -13.05 29.50
CA ASN A 140 14.00 -14.24 29.07
C ASN A 140 15.00 -13.88 27.98
N PRO A 141 15.96 -14.77 27.69
CA PRO A 141 16.84 -14.54 26.54
C PRO A 141 16.12 -14.62 25.20
N GLU A 142 14.95 -15.27 25.14
CA GLU A 142 14.22 -15.35 23.89
C GLU A 142 13.79 -13.97 23.42
N SER A 143 13.28 -13.14 24.34
CA SER A 143 12.91 -11.78 23.96
C SER A 143 14.14 -10.91 23.71
N LYS A 144 15.22 -11.14 24.46
CA LYS A 144 16.44 -10.36 24.27
C LYS A 144 17.02 -10.58 22.88
N VAL A 145 17.01 -11.82 22.39
CA VAL A 145 17.48 -12.10 21.04
C VAL A 145 16.54 -11.48 20.02
N PHE A 146 15.23 -11.53 20.28
CA PHE A 146 14.25 -10.93 19.36
C PHE A 146 14.49 -9.44 19.21
N TYR A 147 14.66 -8.73 20.32
CA TYR A 147 14.84 -7.29 20.27
C TYR A 147 16.23 -6.91 19.78
N LEU A 148 17.25 -7.70 20.13
CA LEU A 148 18.58 -7.43 19.60
C LEU A 148 18.65 -7.67 18.10
N LYS A 149 17.91 -8.65 17.58
CA LYS A 149 17.82 -8.84 16.14
C LYS A 149 17.07 -7.69 15.49
N MET A 150 16.01 -7.21 16.14
CA MET A 150 15.27 -6.07 15.63
C MET A 150 16.16 -4.84 15.51
N LYS A 151 17.07 -4.65 16.48
CA LYS A 151 18.02 -3.55 16.39
C LYS A 151 18.96 -3.73 15.20
N GLY A 152 19.42 -4.95 14.97
CA GLY A 152 20.29 -5.20 13.83
C GLY A 152 19.61 -4.96 12.51
N ASP A 153 18.30 -5.26 12.43
CA ASP A 153 17.56 -5.03 11.20
C ASP A 153 17.44 -3.54 10.90
N TYR A 154 17.08 -2.73 11.90
CA TYR A 154 16.81 -1.33 11.65
C TYR A 154 18.07 -0.49 11.54
N PHE A 155 19.21 -0.98 12.02
CA PHE A 155 20.47 -0.35 11.65
C PHE A 155 20.92 -0.79 10.26
N ARG A 156 20.54 -2.00 9.84
CA ARG A 156 20.84 -2.45 8.50
C ARG A 156 20.09 -1.65 7.46
N TYR A 157 18.82 -1.31 7.73
CA TYR A 157 18.07 -0.46 6.82
C TYR A 157 18.68 0.93 6.73
N LEU A 158 19.41 1.37 7.75
CA LEU A 158 20.15 2.62 7.66
C LEU A 158 21.36 2.48 6.75
N ALA A 159 22.07 1.36 6.84
CA ALA A 159 23.25 1.13 6.01
C ALA A 159 22.88 1.01 4.54
N GLU A 160 21.63 0.64 4.23
CA GLU A 160 21.20 0.59 2.84
C GLU A 160 21.25 1.96 2.19
N VAL A 161 21.12 3.03 2.97
CA VAL A 161 21.00 4.38 2.44
C VAL A 161 22.04 5.33 3.01
N ALA A 162 22.93 4.86 3.88
CA ALA A 162 23.98 5.72 4.39
C ALA A 162 25.14 5.80 3.41
N CYS A 163 25.95 6.85 3.54
CA CYS A 163 27.10 7.03 2.66
C CYS A 163 28.13 7.90 3.37
N GLY A 164 29.39 7.49 3.28
CA GLY A 164 30.48 8.25 3.87
C GLY A 164 30.88 7.76 5.24
N ASP A 165 31.25 8.69 6.13
CA ASP A 165 31.63 8.30 7.49
C ASP A 165 30.43 7.77 8.27
N ASP A 166 29.21 8.20 7.90
CA ASP A 166 28.01 7.70 8.56
C ASP A 166 27.78 6.22 8.23
N ARG A 167 28.23 5.76 7.06
CA ARG A 167 27.92 4.41 6.61
C ARG A 167 28.57 3.37 7.51
N LYS A 168 29.91 3.37 7.58
CA LYS A 168 30.61 2.34 8.33
C LYS A 168 30.24 2.36 9.81
N GLN A 169 29.80 3.50 10.34
CA GLN A 169 29.40 3.57 11.74
C GLN A 169 28.09 2.83 11.99
N THR A 170 27.12 2.98 11.08
CA THR A 170 25.86 2.26 11.24
C THR A 170 26.02 0.78 10.89
N ILE A 171 26.98 0.43 10.03
CA ILE A 171 27.24 -0.97 9.75
C ILE A 171 27.79 -1.67 10.98
N ASP A 172 28.75 -1.04 11.67
CA ASP A 172 29.30 -1.62 12.88
C ASP A 172 28.24 -1.73 13.97
N ASN A 173 27.22 -0.87 13.94
CA ASN A 173 26.21 -0.88 14.99
C ASN A 173 25.28 -2.09 14.85
N SER A 174 24.82 -2.38 13.63
CA SER A 174 23.98 -3.56 13.44
C SER A 174 24.79 -4.84 13.57
N GLN A 175 26.05 -4.82 13.11
CA GLN A 175 26.89 -6.00 13.28
C GLN A 175 27.02 -6.36 14.76
N GLY A 176 27.28 -5.36 15.61
CA GLY A 176 27.33 -5.62 17.04
C GLY A 176 26.00 -6.08 17.61
N ALA A 177 24.89 -5.57 17.07
CA ALA A 177 23.58 -6.04 17.51
C ALA A 177 23.35 -7.49 17.10
N TYR A 178 23.55 -7.79 15.81
CA TYR A 178 23.41 -9.17 15.33
C TYR A 178 24.37 -10.11 16.05
N GLN A 179 25.59 -9.65 16.33
CA GLN A 179 26.60 -10.53 16.89
C GLN A 179 26.23 -11.00 18.29
N GLU A 180 25.77 -10.06 19.13
CA GLU A 180 25.37 -10.44 20.49
C GLU A 180 24.11 -11.30 20.47
N ALA A 181 23.16 -10.97 19.58
CA ALA A 181 21.98 -11.80 19.43
C ALA A 181 22.35 -13.20 18.95
N PHE A 182 23.30 -13.30 18.02
CA PHE A 182 23.78 -14.59 17.56
C PHE A 182 24.40 -15.38 18.72
N ASP A 183 25.23 -14.73 19.53
CA ASP A 183 25.89 -15.41 20.63
C ASP A 183 24.87 -15.93 21.65
N ILE A 184 23.89 -15.10 22.00
CA ILE A 184 22.90 -15.51 22.99
C ILE A 184 22.00 -16.61 22.45
N SER A 185 21.67 -16.56 21.16
CA SER A 185 20.75 -17.53 20.60
C SER A 185 21.35 -18.93 20.58
N LYS A 186 22.64 -19.04 20.27
CA LYS A 186 23.30 -20.35 20.32
C LYS A 186 23.51 -20.85 21.74
N LYS A 187 23.39 -19.98 22.73
CA LYS A 187 23.53 -20.35 24.13
C LYS A 187 22.23 -20.88 24.72
N GLU A 188 21.10 -20.26 24.41
CA GLU A 188 19.84 -20.54 25.08
C GLU A 188 18.74 -21.07 24.17
N MET A 189 19.01 -21.29 22.89
CA MET A 189 17.98 -21.75 21.96
C MET A 189 18.48 -22.96 21.19
N GLN A 190 17.58 -23.89 20.91
CA GLN A 190 17.88 -25.06 20.10
C GLN A 190 17.98 -24.67 18.63
N PRO A 191 18.66 -25.48 17.81
CA PRO A 191 18.86 -25.10 16.40
C PRO A 191 17.58 -24.93 15.60
N THR A 192 16.47 -25.53 16.03
CA THR A 192 15.21 -25.42 15.31
C THR A 192 14.34 -24.26 15.77
N HIS A 193 14.80 -23.46 16.71
CA HIS A 193 13.99 -22.37 17.24
C HIS A 193 13.74 -21.34 16.14
N PRO A 194 12.48 -20.91 15.93
CA PRO A 194 12.21 -19.93 14.85
C PRO A 194 12.95 -18.62 15.03
N ILE A 195 13.15 -18.16 16.27
CA ILE A 195 13.85 -16.90 16.48
C ILE A 195 15.33 -17.05 16.15
N ARG A 196 15.93 -18.18 16.54
CA ARG A 196 17.32 -18.42 16.18
C ARG A 196 17.48 -18.55 14.67
N LEU A 197 16.56 -19.26 14.02
CA LEU A 197 16.64 -19.44 12.58
C LEU A 197 16.41 -18.13 11.84
N GLY A 198 15.46 -17.32 12.31
CA GLY A 198 15.21 -16.04 11.66
C GLY A 198 16.32 -15.05 11.85
N LEU A 199 17.09 -15.19 12.93
CA LEU A 199 18.24 -14.31 13.15
C LEU A 199 19.40 -14.68 12.24
N ALA A 200 19.64 -15.99 12.05
CA ALA A 200 20.68 -16.39 11.11
C ALA A 200 20.33 -15.98 9.70
N LEU A 201 19.03 -15.98 9.37
CA LEU A 201 18.61 -15.53 8.04
C LEU A 201 18.95 -14.07 7.83
N ASN A 202 18.50 -13.20 8.73
CA ASN A 202 18.74 -11.77 8.57
C ASN A 202 20.21 -11.42 8.71
N PHE A 203 20.93 -12.11 9.62
CA PHE A 203 22.35 -11.84 9.79
C PHE A 203 23.13 -12.21 8.53
N SER A 204 22.79 -13.35 7.91
CA SER A 204 23.50 -13.74 6.70
C SER A 204 23.14 -12.83 5.53
N VAL A 205 21.92 -12.26 5.54
CA VAL A 205 21.58 -11.25 4.54
C VAL A 205 22.41 -9.98 4.75
N PHE A 206 22.60 -9.60 6.02
CA PHE A 206 23.51 -8.49 6.35
C PHE A 206 24.90 -8.74 5.78
N TYR A 207 25.38 -9.99 5.83
CA TYR A 207 26.69 -10.30 5.28
C TYR A 207 26.69 -10.23 3.76
N TYR A 208 25.57 -10.56 3.12
CA TYR A 208 25.56 -10.58 1.66
C TYR A 208 25.42 -9.18 1.08
N GLU A 209 24.54 -8.37 1.65
CA GLU A 209 24.17 -7.09 1.05
C GLU A 209 24.93 -5.91 1.60
N ILE A 210 25.28 -5.91 2.87
CA ILE A 210 25.94 -4.77 3.50
C ILE A 210 27.44 -4.94 3.56
N LEU A 211 27.92 -6.17 3.78
CA LEU A 211 29.35 -6.44 3.82
C LEU A 211 29.90 -6.97 2.50
N ASN A 212 29.04 -7.53 1.65
CA ASN A 212 29.43 -8.05 0.33
C ASN A 212 30.45 -9.18 0.47
N ASN A 213 30.28 -10.02 1.48
CA ASN A 213 31.03 -11.28 1.62
C ASN A 213 30.05 -12.41 1.33
N PRO A 214 29.93 -12.85 0.08
CA PRO A 214 28.91 -13.87 -0.22
C PRO A 214 29.26 -15.24 0.31
N GLU A 215 30.55 -15.56 0.42
CA GLU A 215 30.94 -16.88 0.92
C GLU A 215 30.67 -16.99 2.42
N LEU A 216 30.99 -15.95 3.19
CA LEU A 216 30.66 -15.96 4.61
C LEU A 216 29.16 -15.97 4.83
N ALA A 217 28.41 -15.26 3.97
CA ALA A 217 26.95 -15.24 4.09
C ALA A 217 26.35 -16.62 3.86
N CYS A 218 26.84 -17.34 2.86
CA CYS A 218 26.34 -18.69 2.60
C CYS A 218 26.66 -19.64 3.75
N THR A 219 27.87 -19.55 4.30
CA THR A 219 28.25 -20.41 5.41
C THR A 219 27.40 -20.12 6.64
N LEU A 220 27.08 -18.84 6.88
CA LEU A 220 26.22 -18.49 7.99
C LEU A 220 24.83 -19.10 7.82
N ALA A 221 24.33 -19.15 6.58
CA ALA A 221 23.00 -19.69 6.34
C ALA A 221 23.01 -21.22 6.26
N LYS A 222 24.07 -21.80 5.70
CA LYS A 222 24.13 -23.25 5.58
C LYS A 222 24.29 -23.90 6.95
N THR A 223 25.06 -23.28 7.83
CA THR A 223 25.26 -23.85 9.16
C THR A 223 23.94 -23.90 9.94
N ALA A 224 23.15 -22.83 9.88
CA ALA A 224 21.89 -22.81 10.61
C ALA A 224 20.90 -23.81 10.03
N PHE A 225 20.85 -23.92 8.70
CA PHE A 225 19.94 -24.87 8.06
C PHE A 225 20.32 -26.31 8.38
N ASP A 226 21.63 -26.61 8.37
CA ASP A 226 22.06 -27.99 8.60
C ASP A 226 21.90 -28.40 10.07
N GLU A 227 22.19 -27.48 10.99
CA GLU A 227 21.97 -27.77 12.40
C GLU A 227 20.49 -27.93 12.73
N ALA A 228 19.61 -27.30 11.94
CA ALA A 228 18.19 -27.44 12.18
C ALA A 228 17.63 -28.70 11.54
N ILE A 229 18.05 -29.01 10.31
CA ILE A 229 17.57 -30.22 9.65
C ILE A 229 18.09 -31.48 10.33
N ALA A 230 19.15 -31.37 11.13
CA ALA A 230 19.68 -32.52 11.85
C ALA A 230 18.94 -32.81 13.14
N GLU A 231 18.01 -31.94 13.55
CA GLU A 231 17.23 -32.11 14.77
C GLU A 231 15.75 -31.95 14.49
N LEU A 232 15.28 -32.44 13.35
CA LEU A 232 13.86 -32.32 13.00
C LEU A 232 13.00 -33.39 13.64
N ASP A 233 13.54 -34.18 14.56
CA ASP A 233 12.73 -35.03 15.42
C ASP A 233 12.54 -34.44 16.81
N THR A 234 13.41 -33.52 17.22
CA THR A 234 13.30 -32.82 18.50
C THR A 234 12.34 -31.64 18.45
N LEU A 235 11.25 -31.76 17.68
CA LEU A 235 10.26 -30.70 17.56
C LEU A 235 8.99 -31.31 16.99
N ASN A 236 7.84 -30.77 17.41
CA ASN A 236 6.56 -31.39 17.09
C ASN A 236 5.69 -30.53 16.18
N GLU A 237 4.38 -30.79 16.19
CA GLU A 237 3.46 -30.09 15.30
C GLU A 237 3.36 -28.60 15.64
N ASP A 238 3.39 -28.27 16.94
CA ASP A 238 3.40 -26.86 17.32
C ASP A 238 4.69 -26.18 16.88
N SER A 239 5.79 -26.93 16.89
CA SER A 239 7.10 -26.39 16.51
C SER A 239 7.26 -26.28 14.99
N TYR A 240 6.91 -27.34 14.28
CA TYR A 240 7.03 -27.35 12.82
C TYR A 240 6.33 -26.16 12.18
N LYS A 241 6.40 -26.08 10.85
CA LYS A 241 5.78 -24.99 10.10
C LYS A 241 6.62 -23.72 10.15
N ASP A 242 6.25 -22.79 11.02
CA ASP A 242 6.97 -21.53 11.16
C ASP A 242 8.48 -21.75 11.21
N SER A 243 8.87 -22.98 11.55
CA SER A 243 10.29 -23.33 11.64
C SER A 243 10.89 -23.61 10.27
N THR A 244 10.13 -24.26 9.38
CA THR A 244 10.57 -24.55 8.02
C THR A 244 10.35 -23.40 7.07
N LEU A 245 9.36 -22.55 7.34
CA LEU A 245 9.17 -21.36 6.54
C LEU A 245 10.47 -20.55 6.51
N ILE A 246 11.18 -20.53 7.63
CA ILE A 246 12.45 -19.81 7.70
C ILE A 246 13.58 -20.65 7.11
N MET A 247 13.55 -21.97 7.30
CA MET A 247 14.54 -22.82 6.64
C MET A 247 14.35 -22.78 5.14
N GLN A 248 13.10 -22.67 4.67
CA GLN A 248 12.84 -22.50 3.25
C GLN A 248 13.46 -21.23 2.71
N LEU A 249 13.35 -20.13 3.46
CA LEU A 249 13.98 -18.88 3.03
C LEU A 249 15.50 -18.98 3.10
N LEU A 250 16.04 -19.78 4.02
CA LEU A 250 17.48 -19.90 4.16
C LEU A 250 18.11 -20.47 2.89
N ARG A 251 17.49 -21.49 2.33
CA ARG A 251 17.92 -22.14 1.11
C ARG A 251 17.64 -21.33 -0.09
N ASP A 252 16.50 -20.73 -0.12
CA ASP A 252 16.15 -19.81 -1.20
C ASP A 252 17.29 -18.84 -1.46
N ASN A 253 17.82 -18.26 -0.38
CA ASN A 253 18.99 -17.38 -0.52
C ASN A 253 20.22 -18.15 -0.95
N LEU A 254 20.37 -19.38 -0.45
CA LEU A 254 21.61 -20.12 -0.70
C LEU A 254 21.78 -20.45 -2.17
N THR A 255 20.76 -21.04 -2.80
CA THR A 255 20.86 -21.35 -4.22
C THR A 255 20.94 -20.09 -5.06
N LEU A 256 20.28 -19.01 -4.63
CA LEU A 256 20.38 -17.73 -5.33
C LEU A 256 21.78 -17.14 -5.24
N TRP A 257 22.46 -17.34 -4.11
CA TRP A 257 23.77 -16.74 -3.90
C TRP A 257 24.89 -17.54 -4.53
N THR A 258 24.76 -18.87 -4.59
CA THR A 258 25.79 -19.69 -5.19
C THR A 258 25.83 -19.55 -6.71
N SER A 259 24.71 -19.19 -7.33
CA SER A 259 24.65 -19.01 -8.78
C SER A 259 25.26 -17.67 -9.21
N THR B 2 17.09 -12.41 -3.00
CA THR B 2 17.59 -12.28 -1.63
C THR B 2 16.49 -11.81 -0.69
N GLN B 3 15.94 -12.75 0.07
CA GLN B 3 14.83 -12.48 0.97
C GLN B 3 15.25 -12.45 2.44
N LEU B 5 13.51 -11.98 6.62
CA LEU B 5 12.36 -12.55 7.32
C LEU B 5 11.10 -11.73 7.03
N SER B 6 9.98 -12.43 6.88
CA SER B 6 8.70 -11.80 6.54
C SER B 6 8.10 -11.02 7.72
N GLN C 29 4.74 26.66 -19.25
CA GLN C 29 5.11 26.92 -17.86
C GLN C 29 6.32 26.10 -17.44
N GLY C 30 7.23 26.72 -16.70
CA GLY C 30 8.44 26.03 -16.28
C GLY C 30 8.16 24.88 -15.33
N GLU C 31 7.42 25.14 -14.26
CA GLU C 31 7.16 24.09 -13.27
C GLU C 31 6.15 23.06 -13.76
N LYS C 32 5.40 23.37 -14.83
CA LYS C 32 4.43 22.41 -15.34
C LYS C 32 5.12 21.15 -15.85
N THR C 33 6.29 21.28 -16.47
CA THR C 33 7.05 20.11 -16.90
C THR C 33 7.70 19.42 -15.71
N GLU C 34 8.18 20.20 -14.74
CA GLU C 34 8.76 19.61 -13.54
C GLU C 34 7.71 18.91 -12.69
N LEU C 35 6.47 19.41 -12.70
CA LEU C 35 5.41 18.77 -11.92
C LEU C 35 4.99 17.44 -12.56
N ILE C 36 5.01 17.37 -13.91
CA ILE C 36 4.76 16.11 -14.57
C ILE C 36 5.93 15.14 -14.32
N GLN C 37 7.13 15.68 -14.11
CA GLN C 37 8.26 14.82 -13.80
C GLN C 37 8.11 14.17 -12.43
N LYS C 38 7.87 14.98 -11.40
CA LYS C 38 7.70 14.44 -10.05
C LYS C 38 6.50 13.50 -9.97
N ALA C 39 5.42 13.82 -10.69
CA ALA C 39 4.26 12.93 -10.72
C ALA C 39 4.65 11.55 -11.24
N LYS C 40 5.30 11.50 -12.40
CA LYS C 40 5.73 10.21 -12.93
C LYS C 40 6.73 9.53 -12.02
N LEU C 41 7.56 10.31 -11.32
CA LEU C 41 8.48 9.74 -10.33
C LEU C 41 7.72 9.04 -9.22
N ALA C 42 6.72 9.72 -8.66
CA ALA C 42 6.01 9.19 -7.50
C ALA C 42 5.13 8.00 -7.88
N GLU C 43 4.63 7.96 -9.12
CA GLU C 43 3.80 6.84 -9.55
C GLU C 43 4.60 5.54 -9.60
N GLN C 44 5.81 5.60 -10.19
CA GLN C 44 6.66 4.41 -10.24
C GLN C 44 7.05 3.95 -8.85
N ALA C 45 7.25 4.89 -7.93
CA ALA C 45 7.54 4.58 -6.54
C ALA C 45 6.30 4.32 -5.70
N GLU C 46 5.12 4.26 -6.34
CA GLU C 46 3.85 4.01 -5.67
C GLU C 46 3.62 4.96 -4.49
N ARG C 47 4.05 6.20 -4.67
CA ARG C 47 3.78 7.26 -3.69
C ARG C 47 2.70 8.15 -4.29
N TYR C 48 1.45 7.67 -4.18
CA TYR C 48 0.32 8.31 -4.84
C TYR C 48 -0.15 9.57 -4.12
N ASP C 49 0.10 9.70 -2.82
CA ASP C 49 -0.21 10.95 -2.13
C ASP C 49 0.61 12.09 -2.71
N ASP C 50 1.91 11.88 -2.87
CA ASP C 50 2.76 12.90 -3.49
C ASP C 50 2.41 13.12 -4.95
N MET C 51 2.11 12.03 -5.67
CA MET C 51 1.75 12.15 -7.08
C MET C 51 0.45 12.94 -7.24
N ALA C 52 -0.49 12.78 -6.31
CA ALA C 52 -1.78 13.45 -6.43
C ALA C 52 -1.68 14.94 -6.16
N THR C 53 -0.75 15.36 -5.29
CA THR C 53 -0.60 16.79 -5.04
C THR C 53 0.01 17.51 -6.24
N CYS C 54 0.93 16.85 -6.97
CA CYS C 54 1.47 17.46 -8.18
C CYS C 54 0.40 17.59 -9.26
N MET C 55 -0.36 16.52 -9.50
CA MET C 55 -1.43 16.60 -10.49
C MET C 55 -2.52 17.58 -10.06
N LYS C 56 -2.66 17.82 -8.75
CA LYS C 56 -3.61 18.83 -8.29
C LYS C 56 -3.12 20.24 -8.62
N ALA C 57 -1.82 20.50 -8.38
CA ALA C 57 -1.26 21.82 -8.70
C ALA C 57 -1.31 22.10 -10.20
N VAL C 58 -1.02 21.09 -11.01
CA VAL C 58 -1.10 21.23 -12.47
C VAL C 58 -2.52 21.62 -12.87
N THR C 59 -3.52 20.93 -12.33
CA THR C 59 -4.90 21.27 -12.63
C THR C 59 -5.25 22.68 -12.18
N GLU C 60 -4.65 23.13 -11.07
CA GLU C 60 -4.89 24.48 -10.57
C GLU C 60 -4.22 25.56 -11.42
N GLN C 61 -3.56 25.18 -12.51
CA GLN C 61 -2.99 26.14 -13.45
C GLN C 61 -3.96 26.52 -14.55
N GLY C 62 -5.24 26.15 -14.42
CA GLY C 62 -6.27 26.61 -15.32
C GLY C 62 -6.28 25.97 -16.69
N ALA C 63 -5.10 25.66 -17.22
CA ALA C 63 -4.98 25.15 -18.57
C ALA C 63 -5.65 23.78 -18.69
N GLU C 64 -6.32 23.56 -19.82
CA GLU C 64 -7.00 22.29 -20.06
C GLU C 64 -5.97 21.16 -20.19
N LEU C 65 -6.23 20.05 -19.50
CA LEU C 65 -5.26 18.97 -19.42
C LEU C 65 -5.21 18.18 -20.72
N SER C 66 -4.00 17.74 -21.08
CA SER C 66 -3.81 16.82 -22.18
C SER C 66 -4.21 15.41 -21.78
N ASN C 67 -4.25 14.50 -22.76
CA ASN C 67 -4.65 13.12 -22.50
C ASN C 67 -3.74 12.45 -21.48
N GLU C 68 -2.43 12.69 -21.57
CA GLU C 68 -1.50 12.08 -20.63
C GLU C 68 -1.68 12.66 -19.23
N GLU C 69 -1.72 13.99 -19.11
CA GLU C 69 -1.92 14.62 -17.81
C GLU C 69 -3.30 14.33 -17.24
N ARG C 70 -4.28 14.04 -18.09
CA ARG C 70 -5.63 13.75 -17.61
C ARG C 70 -5.68 12.42 -16.88
N ASN C 71 -5.12 11.37 -17.49
CA ASN C 71 -5.12 10.05 -16.84
C ASN C 71 -4.12 9.97 -15.70
N LEU C 72 -3.10 10.82 -15.70
CA LEU C 72 -2.21 10.88 -14.54
C LEU C 72 -2.93 11.42 -13.31
N LEU C 73 -3.92 12.29 -13.52
CA LEU C 73 -4.67 12.83 -12.39
C LEU C 73 -5.57 11.78 -11.76
N SER C 74 -6.25 10.97 -12.58
CA SER C 74 -7.17 9.97 -12.04
C SER C 74 -6.42 8.80 -11.41
N VAL C 75 -5.33 8.36 -12.03
CA VAL C 75 -4.53 7.27 -11.46
C VAL C 75 -4.08 7.64 -10.05
N ALA C 76 -3.62 8.88 -9.87
CA ALA C 76 -3.18 9.34 -8.56
C ALA C 76 -4.31 9.24 -7.54
N TYR C 77 -5.44 9.87 -7.81
CA TYR C 77 -6.52 9.92 -6.84
C TYR C 77 -7.27 8.60 -6.70
N LYS C 78 -7.21 7.73 -7.71
CA LYS C 78 -7.86 6.43 -7.58
C LYS C 78 -7.14 5.56 -6.56
N ASN C 79 -5.82 5.69 -6.47
CA ASN C 79 -5.07 4.98 -5.44
C ASN C 79 -5.19 5.65 -4.09
N VAL C 80 -5.24 6.99 -4.06
CA VAL C 80 -5.36 7.71 -2.79
C VAL C 80 -6.69 7.39 -2.13
N VAL C 81 -7.78 7.48 -2.88
CA VAL C 81 -9.09 7.12 -2.35
C VAL C 81 -9.27 5.61 -2.27
N GLY C 82 -8.57 4.84 -3.10
CA GLY C 82 -8.72 3.39 -3.06
C GLY C 82 -8.18 2.77 -1.80
N GLY C 83 -7.11 3.36 -1.23
CA GLY C 83 -6.62 2.88 0.04
C GLY C 83 -7.60 3.13 1.17
N ARG C 84 -8.27 4.29 1.16
CA ARG C 84 -9.28 4.57 2.15
C ARG C 84 -10.52 3.71 1.95
N ARG C 85 -10.87 3.43 0.70
CA ARG C 85 -12.07 2.65 0.42
C ARG C 85 -11.90 1.20 0.87
N SER C 86 -10.78 0.57 0.52
CA SER C 86 -10.57 -0.81 0.92
C SER C 86 -10.44 -0.94 2.44
N ALA C 87 -9.85 0.06 3.10
CA ALA C 87 -9.78 0.03 4.55
C ALA C 87 -11.15 0.19 5.18
N TRP C 88 -11.96 1.12 4.63
CA TRP C 88 -13.29 1.35 5.18
C TRP C 88 -14.14 0.08 5.12
N ARG C 89 -14.08 -0.65 4.01
CA ARG C 89 -14.93 -1.84 3.88
C ARG C 89 -14.49 -2.92 4.86
N VAL C 90 -13.18 -3.06 5.10
CA VAL C 90 -12.71 -4.02 6.08
C VAL C 90 -13.22 -3.66 7.48
N ILE C 91 -13.20 -2.37 7.82
CA ILE C 91 -13.66 -1.93 9.12
C ILE C 91 -15.18 -2.04 9.22
N SER C 92 -15.90 -1.65 8.16
CA SER C 92 -17.36 -1.72 8.20
C SER C 92 -17.85 -3.16 8.22
N SER C 93 -17.10 -4.09 7.60
CA SER C 93 -17.50 -5.49 7.65
C SER C 93 -17.32 -6.07 9.04
N ILE C 94 -16.30 -5.63 9.78
CA ILE C 94 -16.12 -6.08 11.16
C ILE C 94 -17.25 -5.55 12.03
N GLU C 95 -17.65 -4.30 11.82
CA GLU C 95 -18.69 -3.69 12.63
C GLU C 95 -20.05 -4.37 12.45
N GLN C 96 -20.34 -4.88 11.25
CA GLN C 96 -21.62 -5.55 11.04
C GLN C 96 -21.64 -6.93 11.69
N LYS C 97 -20.49 -7.59 11.78
CA LYS C 97 -20.38 -8.86 12.50
C LYS C 97 -20.14 -8.67 14.00
N THR C 98 -20.33 -7.47 14.51
CA THR C 98 -20.15 -7.15 15.92
C THR C 98 -21.51 -6.88 16.55
N ASP C 99 -21.82 -7.58 17.64
CA ASP C 99 -23.08 -7.36 18.34
C ASP C 99 -23.16 -5.92 18.84
N THR C 100 -24.37 -5.39 18.85
CA THR C 100 -24.59 -4.02 19.31
C THR C 100 -24.26 -3.81 20.78
N SER C 101 -23.82 -4.86 21.49
CA SER C 101 -23.53 -4.77 22.91
C SER C 101 -22.07 -5.02 23.24
N ASP C 102 -21.20 -5.16 22.24
CA ASP C 102 -19.79 -5.39 22.52
C ASP C 102 -19.11 -4.07 22.88
N LYS C 103 -18.16 -4.14 23.83
CA LYS C 103 -17.45 -2.92 24.23
C LYS C 103 -16.60 -2.37 23.10
N LYS C 104 -16.11 -3.23 22.21
CA LYS C 104 -15.25 -2.79 21.11
C LYS C 104 -16.03 -2.09 20.00
N LEU C 105 -17.35 -2.01 20.10
CA LEU C 105 -18.13 -1.49 18.99
C LEU C 105 -17.91 0.00 18.80
N GLN C 106 -17.96 0.78 19.89
CA GLN C 106 -17.76 2.21 19.78
C GLN C 106 -16.36 2.55 19.28
N LEU C 107 -15.37 1.72 19.61
CA LEU C 107 -14.02 1.92 19.09
C LEU C 107 -13.96 1.60 17.60
N ILE C 108 -14.67 0.55 17.17
CA ILE C 108 -14.74 0.23 15.75
C ILE C 108 -15.53 1.32 15.02
N LYS C 109 -16.61 1.81 15.63
CA LYS C 109 -17.37 2.89 15.02
C LYS C 109 -16.56 4.18 14.95
N ASP C 110 -15.73 4.44 15.97
CA ASP C 110 -14.90 5.63 15.95
C ASP C 110 -13.83 5.54 14.87
N TYR C 111 -13.19 4.38 14.74
CA TYR C 111 -12.16 4.21 13.72
C TYR C 111 -12.73 4.28 12.32
N ARG C 112 -13.94 3.74 12.12
CA ARG C 112 -14.59 3.82 10.81
C ARG C 112 -14.83 5.28 10.43
N GLU C 113 -15.36 6.07 11.36
CA GLU C 113 -15.62 7.48 11.07
C GLU C 113 -14.33 8.24 10.78
N LYS C 114 -13.22 7.84 11.39
CA LYS C 114 -11.94 8.46 11.08
C LYS C 114 -11.55 8.20 9.62
N VAL C 115 -11.69 6.96 9.17
CA VAL C 115 -11.43 6.64 7.76
C VAL C 115 -12.41 7.38 6.86
N GLU C 116 -13.67 7.49 7.27
CA GLU C 116 -14.66 8.18 6.44
C GLU C 116 -14.29 9.65 6.24
N SER C 117 -13.83 10.31 7.30
CA SER C 117 -13.53 11.73 7.21
C SER C 117 -12.39 12.00 6.23
N GLU C 118 -11.35 11.15 6.25
CA GLU C 118 -10.32 11.26 5.23
C GLU C 118 -10.89 10.97 3.84
N LEU C 119 -11.64 9.87 3.73
CA LEU C 119 -12.28 9.52 2.47
C LEU C 119 -13.16 10.66 1.96
N ARG C 120 -13.99 11.23 2.83
CA ARG C 120 -14.89 12.30 2.41
C ARG C 120 -14.11 13.52 1.94
N SER C 121 -12.99 13.83 2.60
CA SER C 121 -12.21 15.01 2.20
C SER C 121 -11.48 14.78 0.88
N ILE C 122 -11.07 13.54 0.61
CA ILE C 122 -10.41 13.23 -0.66
C ILE C 122 -11.37 13.48 -1.83
N CYS C 123 -12.57 12.90 -1.77
CA CYS C 123 -13.57 13.15 -2.80
C CYS C 123 -13.96 14.62 -2.86
N THR C 124 -13.93 15.31 -1.71
CA THR C 124 -14.19 16.75 -1.72
C THR C 124 -13.14 17.48 -2.54
N THR C 125 -11.87 17.14 -2.35
CA THR C 125 -10.81 17.75 -3.13
C THR C 125 -10.96 17.44 -4.61
N VAL C 126 -11.32 16.20 -4.94
CA VAL C 126 -11.48 15.81 -6.34
C VAL C 126 -12.67 16.53 -6.97
N LEU C 127 -13.77 16.66 -6.22
CA LEU C 127 -15.00 17.22 -6.79
C LEU C 127 -14.86 18.72 -7.04
N GLU C 128 -14.23 19.46 -6.12
CA GLU C 128 -14.04 20.88 -6.35
C GLU C 128 -13.00 21.13 -7.43
N LEU C 129 -12.06 20.20 -7.62
CA LEU C 129 -11.18 20.27 -8.77
C LEU C 129 -11.97 20.07 -10.07
N LEU C 130 -12.94 19.16 -10.05
CA LEU C 130 -13.74 18.89 -11.23
C LEU C 130 -14.57 20.10 -11.65
N ASP C 131 -15.26 20.72 -10.69
CA ASP C 131 -16.23 21.76 -11.02
C ASP C 131 -15.63 23.15 -11.20
N LYS C 132 -14.45 23.42 -10.62
CA LYS C 132 -13.84 24.72 -10.74
C LYS C 132 -12.75 24.79 -11.81
N TYR C 133 -12.38 23.66 -12.42
CA TYR C 133 -11.34 23.66 -13.43
C TYR C 133 -11.62 22.71 -14.58
N LEU C 134 -11.91 21.44 -14.26
CA LEU C 134 -11.89 20.40 -15.27
C LEU C 134 -13.12 20.47 -16.17
N ILE C 135 -14.32 20.39 -15.57
CA ILE C 135 -15.53 20.41 -16.39
C ILE C 135 -15.77 21.81 -16.97
N ALA C 136 -15.26 22.84 -16.31
CA ALA C 136 -15.48 24.20 -16.77
C ALA C 136 -14.78 24.48 -18.09
N ASN C 137 -13.55 24.00 -18.25
CA ASN C 137 -12.72 24.29 -19.42
C ASN C 137 -12.66 23.12 -20.40
N ALA C 138 -13.75 22.38 -20.57
CA ALA C 138 -13.73 21.18 -21.41
C ALA C 138 -13.66 21.51 -22.89
N THR C 139 -14.73 22.09 -23.43
CA THR C 139 -14.85 22.55 -24.81
C THR C 139 -14.80 21.43 -25.85
N ASN C 140 -14.94 20.17 -25.45
CA ASN C 140 -15.12 19.09 -26.40
C ASN C 140 -15.77 17.90 -25.69
N PRO C 141 -16.61 17.13 -26.38
CA PRO C 141 -17.44 16.14 -25.68
C PRO C 141 -16.65 15.00 -25.05
N GLU C 142 -15.47 14.66 -25.55
CA GLU C 142 -14.71 13.57 -24.94
C GLU C 142 -14.30 13.90 -23.52
N SER C 143 -13.70 15.07 -23.31
CA SER C 143 -13.29 15.47 -21.97
C SER C 143 -14.49 15.69 -21.06
N LYS C 144 -15.62 16.14 -21.62
CA LYS C 144 -16.83 16.24 -20.82
C LYS C 144 -17.27 14.87 -20.32
N VAL C 145 -17.27 13.86 -21.20
CA VAL C 145 -17.63 12.52 -20.78
C VAL C 145 -16.66 12.01 -19.73
N PHE C 146 -15.35 12.23 -19.95
CA PHE C 146 -14.35 11.76 -19.00
C PHE C 146 -14.53 12.39 -17.63
N TYR C 147 -14.69 13.72 -17.59
CA TYR C 147 -14.80 14.41 -16.31
C TYR C 147 -16.16 14.22 -15.66
N LEU C 148 -17.24 14.12 -16.46
CA LEU C 148 -18.53 13.81 -15.87
C LEU C 148 -18.55 12.38 -15.31
N LYS C 149 -17.82 11.46 -15.95
CA LYS C 149 -17.68 10.13 -15.40
C LYS C 149 -16.98 10.17 -14.04
N MET C 150 -15.92 10.98 -13.93
CA MET C 150 -15.22 11.12 -12.66
C MET C 150 -16.13 11.71 -11.60
N LYS C 151 -17.01 12.65 -11.98
CA LYS C 151 -17.98 13.19 -11.05
C LYS C 151 -18.90 12.10 -10.52
N GLY C 152 -19.42 11.26 -11.42
CA GLY C 152 -20.25 10.14 -10.99
C GLY C 152 -19.46 9.14 -10.17
N ASP C 153 -18.18 8.95 -10.49
CA ASP C 153 -17.35 8.00 -9.75
C ASP C 153 -17.21 8.43 -8.30
N TYR C 154 -16.71 9.65 -8.07
CA TYR C 154 -16.38 10.06 -6.72
C TYR C 154 -17.62 10.37 -5.88
N PHE C 155 -18.72 10.76 -6.50
CA PHE C 155 -19.98 10.81 -5.76
C PHE C 155 -20.45 9.40 -5.38
N ARG C 156 -20.18 8.41 -6.23
CA ARG C 156 -20.48 7.03 -5.87
C ARG C 156 -19.63 6.57 -4.69
N TYR C 157 -18.37 7.01 -4.64
CA TYR C 157 -17.52 6.68 -3.50
C TYR C 157 -18.06 7.30 -2.22
N LEU C 158 -18.69 8.48 -2.32
CA LEU C 158 -19.33 9.09 -1.16
C LEU C 158 -20.59 8.32 -0.77
N ALA C 159 -21.43 7.98 -1.75
CA ALA C 159 -22.64 7.22 -1.48
C ALA C 159 -22.34 5.85 -0.89
N GLU C 160 -21.14 5.32 -1.11
CA GLU C 160 -20.78 4.02 -0.55
C GLU C 160 -20.82 4.05 0.97
N VAL C 161 -20.57 5.21 1.58
CA VAL C 161 -20.49 5.32 3.03
C VAL C 161 -21.49 6.30 3.62
N ALA C 162 -22.24 7.02 2.80
CA ALA C 162 -23.20 7.99 3.33
C ALA C 162 -24.39 7.30 3.98
N CYS C 163 -25.10 8.05 4.81
CA CYS C 163 -26.27 7.55 5.52
C CYS C 163 -27.17 8.73 5.87
N GLY C 164 -28.49 8.50 5.80
CA GLY C 164 -29.45 9.54 6.11
C GLY C 164 -29.87 10.32 4.89
N ASP C 165 -30.24 11.59 5.08
CA ASP C 165 -30.57 12.43 3.92
C ASP C 165 -29.35 12.67 3.04
N ASP C 166 -28.15 12.60 3.63
CA ASP C 166 -26.93 12.72 2.85
C ASP C 166 -26.87 11.67 1.75
N ARG C 167 -27.27 10.44 2.05
CA ARG C 167 -27.15 9.35 1.09
C ARG C 167 -27.94 9.62 -0.17
N LYS C 168 -29.22 9.98 -0.03
CA LYS C 168 -30.08 10.13 -1.20
C LYS C 168 -29.61 11.23 -2.13
N GLN C 169 -29.03 12.31 -1.59
CA GLN C 169 -28.61 13.41 -2.45
C GLN C 169 -27.29 13.11 -3.16
N THR C 170 -26.34 12.49 -2.45
CA THR C 170 -25.12 12.05 -3.14
C THR C 170 -25.42 11.00 -4.19
N ILE C 171 -26.40 10.12 -3.93
CA ILE C 171 -26.82 9.15 -4.94
C ILE C 171 -27.36 9.87 -6.17
N ASP C 172 -28.25 10.85 -5.96
CA ASP C 172 -28.81 11.58 -7.09
C ASP C 172 -27.76 12.42 -7.81
N ASN C 173 -26.73 12.88 -7.09
CA ASN C 173 -25.66 13.61 -7.75
C ASN C 173 -24.78 12.69 -8.58
N SER C 174 -24.55 11.46 -8.09
CA SER C 174 -23.77 10.49 -8.85
C SER C 174 -24.52 10.07 -10.11
N GLN C 175 -25.77 9.63 -9.96
CA GLN C 175 -26.58 9.29 -11.12
C GLN C 175 -26.73 10.47 -12.07
N GLY C 176 -26.78 11.69 -11.52
CA GLY C 176 -26.88 12.86 -12.38
C GLY C 176 -25.70 13.00 -13.31
N ALA C 177 -24.48 12.81 -12.79
CA ALA C 177 -23.29 12.96 -13.63
C ALA C 177 -23.16 11.79 -14.60
N TYR C 178 -23.48 10.58 -14.14
CA TYR C 178 -23.39 9.40 -15.01
C TYR C 178 -24.35 9.53 -16.19
N GLN C 179 -25.60 9.93 -15.93
CA GLN C 179 -26.60 9.97 -16.99
C GLN C 179 -26.24 11.02 -18.04
N GLU C 180 -25.70 12.15 -17.62
CA GLU C 180 -25.27 13.17 -18.58
C GLU C 180 -24.12 12.65 -19.43
N ALA C 181 -23.10 12.06 -18.79
CA ALA C 181 -21.99 11.48 -19.54
C ALA C 181 -22.46 10.34 -20.42
N PHE C 182 -23.43 9.55 -19.94
CA PHE C 182 -23.95 8.45 -20.75
C PHE C 182 -24.72 8.97 -21.96
N ASP C 183 -25.41 10.10 -21.82
CA ASP C 183 -26.15 10.65 -22.94
C ASP C 183 -25.22 11.29 -23.96
N ILE C 184 -24.15 11.96 -23.50
CA ILE C 184 -23.20 12.56 -24.43
C ILE C 184 -22.39 11.48 -25.14
N SER C 185 -21.96 10.46 -24.40
CA SER C 185 -21.18 9.39 -25.02
C SER C 185 -22.01 8.56 -25.99
N LYS C 186 -23.31 8.40 -25.70
CA LYS C 186 -24.17 7.62 -26.60
C LYS C 186 -24.32 8.30 -27.96
N LYS C 187 -24.21 9.62 -28.02
CA LYS C 187 -24.43 10.37 -29.25
C LYS C 187 -23.17 10.95 -29.87
N GLU C 188 -22.02 10.89 -29.17
CA GLU C 188 -20.79 11.43 -29.73
C GLU C 188 -19.62 10.47 -29.75
N MET C 189 -19.74 9.29 -29.13
CA MET C 189 -18.64 8.34 -29.01
C MET C 189 -19.01 7.03 -29.69
N GLN C 190 -17.97 6.26 -30.15
CA GLN C 190 -18.41 4.95 -30.58
C GLN C 190 -18.34 3.96 -29.43
N PRO C 191 -19.22 2.95 -29.44
CA PRO C 191 -19.28 2.02 -28.30
C PRO C 191 -17.98 1.27 -28.03
N THR C 192 -16.99 1.37 -28.91
CA THR C 192 -15.74 0.64 -28.74
C THR C 192 -14.66 1.43 -28.02
N HIS C 193 -14.84 2.74 -27.83
CA HIS C 193 -13.78 3.51 -27.20
C HIS C 193 -13.71 3.20 -25.71
N PRO C 194 -12.50 3.09 -25.15
CA PRO C 194 -12.38 2.76 -23.72
C PRO C 194 -13.15 3.68 -22.78
N ILE C 195 -13.29 4.95 -23.12
CA ILE C 195 -13.96 5.89 -22.22
C ILE C 195 -15.45 5.57 -22.12
N ARG C 196 -16.09 5.36 -23.27
CA ARG C 196 -17.50 4.96 -23.23
C ARG C 196 -17.67 3.59 -22.60
N LEU C 197 -16.75 2.67 -22.89
CA LEU C 197 -16.78 1.35 -22.26
C LEU C 197 -16.53 1.46 -20.76
N GLY C 198 -15.59 2.32 -20.35
CA GLY C 198 -15.31 2.48 -18.94
C GLY C 198 -16.48 3.10 -18.18
N LEU C 199 -17.10 4.14 -18.75
CA LEU C 199 -18.26 4.74 -18.10
C LEU C 199 -19.42 3.77 -18.03
N ALA C 200 -19.63 2.99 -19.08
CA ALA C 200 -20.70 2.00 -19.06
C ALA C 200 -20.48 1.00 -17.94
N LEU C 201 -19.23 0.61 -17.71
CA LEU C 201 -18.93 -0.34 -16.64
C LEU C 201 -19.13 0.27 -15.26
N ASN C 202 -18.71 1.53 -15.07
CA ASN C 202 -18.89 2.17 -13.77
C ASN C 202 -20.36 2.52 -13.54
N PHE C 203 -21.07 2.95 -14.58
CA PHE C 203 -22.51 3.17 -14.45
C PHE C 203 -23.22 1.87 -14.12
N SER C 204 -22.84 0.77 -14.79
CA SER C 204 -23.46 -0.52 -14.50
C SER C 204 -23.17 -0.94 -13.06
N VAL C 205 -22.00 -0.59 -12.52
CA VAL C 205 -21.70 -0.90 -11.13
C VAL C 205 -22.58 -0.07 -10.20
N PHE C 206 -22.76 1.21 -10.53
CA PHE C 206 -23.65 2.08 -9.75
C PHE C 206 -25.04 1.49 -9.63
N TYR C 207 -25.57 0.94 -10.73
CA TYR C 207 -26.91 0.34 -10.69
C TYR C 207 -26.95 -0.92 -9.83
N TYR C 208 -25.81 -1.57 -9.61
CA TYR C 208 -25.76 -2.82 -8.86
C TYR C 208 -25.44 -2.59 -7.38
N GLU C 209 -24.47 -1.73 -7.08
CA GLU C 209 -24.07 -1.52 -5.70
C GLU C 209 -24.94 -0.46 -5.02
N ILE C 210 -25.21 0.65 -5.70
CA ILE C 210 -25.87 1.79 -5.08
C ILE C 210 -27.39 1.65 -5.15
N LEU C 211 -27.94 1.43 -6.33
CA LEU C 211 -29.39 1.30 -6.47
C LEU C 211 -29.90 -0.10 -6.15
N ASN C 212 -29.00 -1.07 -5.99
CA ASN C 212 -29.37 -2.45 -5.70
C ASN C 212 -30.34 -2.99 -6.73
N ASN C 213 -30.09 -2.66 -8.00
CA ASN C 213 -30.89 -3.11 -9.14
C ASN C 213 -30.01 -3.96 -10.05
N PRO C 214 -29.98 -5.28 -9.84
CA PRO C 214 -29.12 -6.11 -10.69
C PRO C 214 -29.64 -6.30 -12.10
N GLU C 215 -30.97 -6.35 -12.29
CA GLU C 215 -31.51 -6.56 -13.62
C GLU C 215 -31.09 -5.44 -14.57
N LEU C 216 -31.24 -4.19 -14.14
CA LEU C 216 -30.82 -3.07 -14.97
C LEU C 216 -29.31 -2.91 -15.03
N ALA C 217 -28.59 -3.39 -14.02
CA ALA C 217 -27.13 -3.35 -14.07
C ALA C 217 -26.60 -4.25 -15.18
N CYS C 218 -27.14 -5.46 -15.31
CA CYS C 218 -26.69 -6.36 -16.37
C CYS C 218 -27.06 -5.85 -17.75
N THR C 219 -28.28 -5.30 -17.90
CA THR C 219 -28.72 -4.85 -19.21
C THR C 219 -27.88 -3.67 -19.68
N LEU C 220 -27.56 -2.73 -18.79
CA LEU C 220 -26.67 -1.64 -19.16
C LEU C 220 -25.30 -2.16 -19.58
N ALA C 221 -24.77 -3.13 -18.85
CA ALA C 221 -23.49 -3.73 -19.23
C ALA C 221 -23.61 -4.56 -20.50
N LYS C 222 -24.73 -5.25 -20.69
CA LYS C 222 -24.87 -6.12 -21.85
C LYS C 222 -24.94 -5.32 -23.15
N THR C 223 -25.75 -4.26 -23.17
CA THR C 223 -25.89 -3.50 -24.41
C THR C 223 -24.62 -2.72 -24.74
N ALA C 224 -23.90 -2.23 -23.73
CA ALA C 224 -22.62 -1.59 -23.99
C ALA C 224 -21.62 -2.58 -24.57
N PHE C 225 -21.64 -3.82 -24.10
CA PHE C 225 -20.79 -4.86 -24.67
C PHE C 225 -21.22 -5.20 -26.08
N ASP C 226 -22.52 -5.41 -26.29
CA ASP C 226 -23.02 -5.83 -27.60
C ASP C 226 -22.88 -4.75 -28.65
N GLU C 227 -23.01 -3.48 -28.25
CA GLU C 227 -22.78 -2.38 -29.18
C GLU C 227 -21.30 -2.26 -29.55
N ALA C 228 -20.40 -2.64 -28.64
CA ALA C 228 -18.98 -2.62 -28.95
C ALA C 228 -18.60 -3.78 -29.87
N ILE C 229 -19.24 -4.94 -29.69
CA ILE C 229 -18.95 -6.07 -30.58
C ILE C 229 -19.45 -5.78 -31.99
N ALA C 230 -20.63 -5.18 -32.11
CA ALA C 230 -21.19 -4.86 -33.42
C ALA C 230 -20.28 -3.92 -34.19
N GLU C 231 -20.02 -2.74 -33.62
CA GLU C 231 -19.11 -1.76 -34.23
C GLU C 231 -17.64 -2.06 -33.92
N LEU C 232 -17.23 -3.33 -34.01
CA LEU C 232 -15.83 -3.70 -33.82
C LEU C 232 -14.93 -3.18 -34.94
N ASP C 233 -15.51 -2.75 -36.05
CA ASP C 233 -14.76 -2.13 -37.15
C ASP C 233 -14.41 -0.66 -36.87
N THR C 234 -15.06 -0.04 -35.89
CA THR C 234 -14.84 1.36 -35.55
C THR C 234 -13.79 1.55 -34.47
N LEU C 235 -13.07 0.49 -34.12
CA LEU C 235 -12.12 0.54 -33.02
C LEU C 235 -10.76 0.97 -33.55
N ASN C 236 -10.19 2.00 -32.93
CA ASN C 236 -8.89 2.52 -33.32
C ASN C 236 -7.78 1.61 -32.82
N GLU C 237 -6.79 1.37 -33.69
CA GLU C 237 -5.75 0.38 -33.43
C GLU C 237 -4.86 0.73 -32.24
N ASP C 238 -4.96 1.96 -31.75
CA ASP C 238 -4.15 2.39 -30.61
C ASP C 238 -4.75 1.93 -29.28
N SER C 239 -6.03 2.27 -29.08
CA SER C 239 -6.72 1.89 -27.86
C SER C 239 -7.35 0.52 -27.98
N TYR C 240 -6.57 -0.46 -28.43
CA TYR C 240 -7.05 -1.82 -28.59
C TYR C 240 -6.93 -2.61 -27.29
N LYS C 241 -5.80 -2.45 -26.61
CA LYS C 241 -5.56 -3.15 -25.36
C LYS C 241 -6.61 -2.79 -24.32
N ASP C 242 -6.75 -1.50 -24.04
CA ASP C 242 -7.72 -1.01 -23.07
C ASP C 242 -9.12 -1.55 -23.36
N SER C 243 -9.58 -1.43 -24.61
CA SER C 243 -10.96 -1.83 -24.92
C SER C 243 -11.16 -3.33 -24.75
N THR C 244 -10.13 -4.13 -25.04
CA THR C 244 -10.28 -5.58 -24.86
C THR C 244 -10.36 -5.95 -23.39
N LEU C 245 -9.63 -5.24 -22.53
CA LEU C 245 -9.73 -5.51 -21.10
C LEU C 245 -11.07 -5.06 -20.54
N ILE C 246 -11.53 -3.86 -20.92
CA ILE C 246 -12.77 -3.33 -20.37
C ILE C 246 -13.96 -4.17 -20.81
N MET C 247 -13.96 -4.64 -22.07
CA MET C 247 -15.03 -5.51 -22.51
C MET C 247 -15.04 -6.82 -21.74
N GLN C 248 -13.86 -7.33 -21.36
CA GLN C 248 -13.80 -8.51 -20.52
C GLN C 248 -14.35 -8.24 -19.13
N LEU C 249 -14.03 -7.07 -18.57
CA LEU C 249 -14.57 -6.71 -17.26
C LEU C 249 -16.09 -6.68 -17.28
N LEU C 250 -16.68 -6.14 -18.35
CA LEU C 250 -18.13 -6.14 -18.47
C LEU C 250 -18.69 -7.56 -18.49
N ARG C 251 -18.02 -8.47 -19.18
CA ARG C 251 -18.55 -9.83 -19.32
C ARG C 251 -18.47 -10.60 -18.01
N ASP C 252 -17.49 -10.29 -17.15
CA ASP C 252 -17.40 -10.98 -15.87
C ASP C 252 -18.38 -10.41 -14.85
N ASN C 253 -18.51 -9.09 -14.79
CA ASN C 253 -19.59 -8.51 -14.02
C ASN C 253 -20.93 -9.08 -14.47
N LEU C 254 -21.10 -9.23 -15.78
CA LEU C 254 -22.28 -9.90 -16.33
C LEU C 254 -22.38 -11.33 -15.80
N THR C 255 -21.38 -12.15 -16.12
CA THR C 255 -21.41 -13.56 -15.74
C THR C 255 -21.63 -13.74 -14.24
N LEU C 256 -21.03 -12.87 -13.42
CA LEU C 256 -21.18 -12.97 -11.98
C LEU C 256 -22.60 -12.61 -11.54
N TRP C 257 -23.12 -11.49 -12.05
CA TRP C 257 -24.40 -10.97 -11.54
C TRP C 257 -25.57 -11.86 -11.93
N THR C 258 -25.50 -12.50 -13.10
CA THR C 258 -26.62 -13.32 -13.57
C THR C 258 -26.48 -14.76 -13.07
N SER C 259 -26.39 -14.89 -11.75
CA SER C 259 -26.33 -16.20 -11.10
C SER C 259 -26.73 -16.10 -9.63
N THR D 2 -18.98 -5.93 -8.60
CA THR D 2 -17.72 -6.61 -8.31
C THR D 2 -16.52 -5.79 -8.74
N GLN D 3 -16.32 -5.66 -10.05
CA GLN D 3 -15.17 -4.96 -10.60
C GLN D 3 -15.58 -3.64 -11.26
N LEU D 5 -13.90 0.07 -13.15
CA LEU D 5 -12.83 0.37 -14.10
C LEU D 5 -11.47 0.60 -13.44
N SER D 6 -10.45 0.01 -14.05
CA SER D 6 -9.05 0.27 -13.71
C SER D 6 -8.13 -0.36 -14.75
#